data_3IJN
# 
_entry.id   3IJN 
# 
_audit_conform.dict_name       mmcif_pdbx.dic 
_audit_conform.dict_version    5.378 
_audit_conform.dict_location   http://mmcif.pdb.org/dictionaries/ascii/mmcif_pdbx.dic 
# 
loop_
_database_2.database_id 
_database_2.database_code 
_database_2.pdbx_database_accession 
_database_2.pdbx_DOI 
PDB   3IJN         pdb_00003ijn 10.2210/pdb3ijn/pdb 
NDB   NA0116       ?            ?                   
RCSB  RCSB054494   ?            ?                   
WWPDB D_1000054494 ?            ?                   
# 
_pdbx_database_related.db_name        PDB 
_pdbx_database_related.db_id          3IJK 
_pdbx_database_related.details        . 
_pdbx_database_related.content_type   unspecified 
# 
_pdbx_database_status.status_code                     REL 
_pdbx_database_status.entry_id                        3IJN 
_pdbx_database_status.recvd_initial_deposition_date   2009-08-04 
_pdbx_database_status.deposit_site                    RCSB 
_pdbx_database_status.process_site                    RCSB 
_pdbx_database_status.status_code_sf                  REL 
_pdbx_database_status.status_code_mr                  ? 
_pdbx_database_status.SG_entry                        ? 
_pdbx_database_status.pdb_format_compatible           Y 
_pdbx_database_status.status_code_cs                  ? 
_pdbx_database_status.status_code_nmr_data            ? 
_pdbx_database_status.methods_development_category    ? 
# 
loop_
_audit_author.name 
_audit_author.pdbx_ordinal 
'Sheng, J.'      1 
'Zhang, W.'      2 
'Hassan, A.E.A.' 3 
'Gan, J.'        4 
'Huang, Z.'      5 
# 
_citation.id                        primary 
_citation.title                     '5-SeMe-Cytidine modified DNA 8mer' 
_citation.journal_abbrev            'TO BE PUBLISHED' 
_citation.journal_volume            ? 
_citation.page_first                ? 
_citation.page_last                 ? 
_citation.year                      ? 
_citation.journal_id_ASTM           ? 
_citation.country                   ? 
_citation.journal_id_ISSN           ? 
_citation.journal_id_CSD            0353 
_citation.book_publisher            ? 
_citation.pdbx_database_id_PubMed   ? 
_citation.pdbx_database_id_DOI      ? 
# 
loop_
_citation_author.citation_id 
_citation_author.name 
_citation_author.ordinal 
_citation_author.identifier_ORCID 
primary 'Sheng, J.'      1 ? 
primary 'Zhang, W.'      2 ? 
primary 'Hassan, A.E.A.' 3 ? 
primary 'Gan, J.'        4 ? 
primary 'Huang, Z.'      5 ? 
# 
_cell.entry_id           3IJN 
_cell.length_a           42.581 
_cell.length_b           42.581 
_cell.length_c           24.548 
_cell.angle_alpha        90.00 
_cell.angle_beta         90.00 
_cell.angle_gamma        90.00 
_cell.Z_PDB              8 
_cell.pdbx_unique_axis   ? 
_cell.length_a_esd       ? 
_cell.length_b_esd       ? 
_cell.length_c_esd       ? 
_cell.angle_alpha_esd    ? 
_cell.angle_beta_esd     ? 
_cell.angle_gamma_esd    ? 
# 
_symmetry.entry_id                         3IJN 
_symmetry.space_group_name_H-M             'P 43 21 2' 
_symmetry.pdbx_full_space_group_name_H-M   ? 
_symmetry.cell_setting                     ? 
_symmetry.Int_Tables_number                96 
_symmetry.space_group_name_Hall            ? 
# 
loop_
_entity.id 
_entity.type 
_entity.src_method 
_entity.pdbx_description 
_entity.formula_weight 
_entity.pdbx_number_of_molecules 
_entity.pdbx_ec 
_entity.pdbx_mutation 
_entity.pdbx_fragment 
_entity.details 
1 polymer syn "5'-D(*GP*(UMS)P*GP*TP*AP*(5SE)P*AP*C)-3'" 2598.564 1  ? ? ? '5-SeMe-Cytidine-DNA octamer' 
2 water   nat water                                      18.015   34 ? ? ? ?                             
# 
_entity_poly.entity_id                      1 
_entity_poly.type                           polydeoxyribonucleotide 
_entity_poly.nstd_linkage                   no 
_entity_poly.nstd_monomer                   yes 
_entity_poly.pdbx_seq_one_letter_code       '(DG)(UMS)(DG)(DT)(DA)(5SE)(DA)(DC)' 
_entity_poly.pdbx_seq_one_letter_code_can   GUGTAUAC 
_entity_poly.pdbx_strand_id                 A 
_entity_poly.pdbx_target_identifier         ? 
# 
loop_
_entity_poly_seq.entity_id 
_entity_poly_seq.num 
_entity_poly_seq.mon_id 
_entity_poly_seq.hetero 
1 1 DG  n 
1 2 UMS n 
1 3 DG  n 
1 4 DT  n 
1 5 DA  n 
1 6 5SE n 
1 7 DA  n 
1 8 DC  n 
# 
_struct_ref.id                         1 
_struct_ref.db_name                    PDB 
_struct_ref.db_code                    3IJN 
_struct_ref.pdbx_db_accession          3IJN 
_struct_ref.entity_id                  1 
_struct_ref.pdbx_align_begin           ? 
_struct_ref.pdbx_seq_one_letter_code   GUGTAUAC 
_struct_ref.pdbx_db_isoform            ? 
# 
_struct_ref_seq.align_id                      1 
_struct_ref_seq.ref_id                        1 
_struct_ref_seq.pdbx_PDB_id_code              3IJN 
_struct_ref_seq.pdbx_strand_id                A 
_struct_ref_seq.seq_align_beg                 1 
_struct_ref_seq.pdbx_seq_align_beg_ins_code   ? 
_struct_ref_seq.seq_align_end                 8 
_struct_ref_seq.pdbx_seq_align_end_ins_code   ? 
_struct_ref_seq.pdbx_db_accession             3IJN 
_struct_ref_seq.db_align_beg                  1 
_struct_ref_seq.pdbx_db_align_beg_ins_code    ? 
_struct_ref_seq.db_align_end                  8 
_struct_ref_seq.pdbx_db_align_end_ins_code    ? 
_struct_ref_seq.pdbx_auth_seq_align_beg       1 
_struct_ref_seq.pdbx_auth_seq_align_end       8 
# 
loop_
_chem_comp.id 
_chem_comp.type 
_chem_comp.mon_nstd_flag 
_chem_comp.name 
_chem_comp.pdbx_synonyms 
_chem_comp.formula 
_chem_comp.formula_weight 
5SE 'DNA linking' n 
;2'-deoxy-5-(methylselanyl)cytidine 5'-(dihydrogen phosphate)
;
? 'C10 H16 N3 O7 P Se' 400.184 
DA  'DNA linking' y "2'-DEOXYADENOSINE-5'-MONOPHOSPHATE"                           ? 'C10 H14 N5 O6 P'    331.222 
DC  'DNA linking' y "2'-DEOXYCYTIDINE-5'-MONOPHOSPHATE"                            ? 'C9 H14 N3 O7 P'     307.197 
DG  'DNA linking' y "2'-DEOXYGUANOSINE-5'-MONOPHOSPHATE"                           ? 'C10 H14 N5 O7 P'    347.221 
DT  'DNA linking' y "THYMIDINE-5'-MONOPHOSPHATE"                                   ? 'C10 H15 N2 O8 P'    322.208 
HOH non-polymer   . WATER                                                          ? 'H2 O'               18.015  
UMS 'DNA linking' n "2'-METHYLSELENYL-2'-DEOXYURIDINE-5'-PHOSPHATE"                ? 'C10 H15 N2 O8 P Se' 401.168 
# 
_exptl.entry_id          3IJN 
_exptl.method            'X-RAY DIFFRACTION' 
_exptl.crystals_number   1 
# 
_exptl_crystal.id                    1 
_exptl_crystal.density_meas          ? 
_exptl_crystal.density_Matthews      2.13 
_exptl_crystal.density_percent_sol   42.33 
_exptl_crystal.description           ? 
_exptl_crystal.F_000                 ? 
_exptl_crystal.preparation           ? 
# 
_exptl_crystal_grow.crystal_id      1 
_exptl_crystal_grow.method          'VAPOR DIFFUSION, HANGING DROP' 
_exptl_crystal_grow.temp            293 
_exptl_crystal_grow.temp_details    ? 
_exptl_crystal_grow.pH              7.0 
_exptl_crystal_grow.pdbx_details    
;10% v / v MPD, 40 mM Na Cacodylate pH 7.0, 12 mM Spermine tetra-HCl, 40 mM Lithium Chloride, 80 mM Strontium Chloride /  
20 mM Magnesium Chloride, VAPOR DIFFUSION, HANGING DROP, temperature 293K
;
_exptl_crystal_grow.pdbx_pH_range   ? 
# 
_diffrn.id                     1 
_diffrn.ambient_temp           99 
_diffrn.ambient_temp_details   ? 
_diffrn.crystal_id             1 
# 
_diffrn_detector.diffrn_id              1 
_diffrn_detector.detector               CCD 
_diffrn_detector.type                   'ADSC QUANTUM 315r' 
_diffrn_detector.pdbx_collection_date   2009-07-15 
_diffrn_detector.details                ? 
# 
_diffrn_radiation.diffrn_id                        1 
_diffrn_radiation.wavelength_id                    1 
_diffrn_radiation.pdbx_monochromatic_or_laue_m_l   M 
_diffrn_radiation.monochromator                    'horizontally focusing monochromator' 
_diffrn_radiation.pdbx_diffrn_protocol             'SINGLE WAVELENGTH' 
_diffrn_radiation.pdbx_scattering_type             x-ray 
# 
_diffrn_radiation_wavelength.id           1 
_diffrn_radiation_wavelength.wavelength   0.9795 
_diffrn_radiation_wavelength.wt           1.0 
# 
_diffrn_source.diffrn_id                   1 
_diffrn_source.source                      SYNCHROTRON 
_diffrn_source.type                        'NSLS BEAMLINE X29A' 
_diffrn_source.pdbx_synchrotron_site       NSLS 
_diffrn_source.pdbx_synchrotron_beamline   X29A 
_diffrn_source.pdbx_wavelength             ? 
_diffrn_source.pdbx_wavelength_list        0.9795 
# 
_reflns.entry_id                     3IJN 
_reflns.observed_criterion_sigma_I   ? 
_reflns.observed_criterion_sigma_F   ? 
_reflns.d_resolution_low             30 
_reflns.d_resolution_high            1.80 
_reflns.number_obs                   2282 
_reflns.number_all                   2333 
_reflns.percent_possible_obs         97.8 
_reflns.pdbx_Rmerge_I_obs            0.07 
_reflns.pdbx_Rsym_value              ? 
_reflns.pdbx_netI_over_sigmaI        38.16 
_reflns.B_iso_Wilson_estimate        ? 
_reflns.pdbx_redundancy              15.6 
_reflns.R_free_details               ? 
_reflns.limit_h_max                  ? 
_reflns.limit_h_min                  ? 
_reflns.limit_k_max                  ? 
_reflns.limit_k_min                  ? 
_reflns.limit_l_max                  ? 
_reflns.limit_l_min                  ? 
_reflns.observed_criterion_F_max     ? 
_reflns.observed_criterion_F_min     ? 
_reflns.pdbx_chi_squared             ? 
_reflns.pdbx_scaling_rejects         ? 
_reflns.pdbx_ordinal                 1 
_reflns.pdbx_diffrn_id               1 
# 
_reflns_shell.d_res_high             1.80 
_reflns_shell.d_res_low              1.86 
_reflns_shell.percent_possible_all   85.0 
_reflns_shell.Rmerge_I_obs           0.445 
_reflns_shell.pdbx_Rsym_value        ? 
_reflns_shell.meanI_over_sigI_obs    2.89 
_reflns_shell.pdbx_redundancy        4.6 
_reflns_shell.percent_possible_obs   ? 
_reflns_shell.number_unique_all      187 
_reflns_shell.number_measured_all    ? 
_reflns_shell.number_measured_obs    ? 
_reflns_shell.number_unique_obs      ? 
_reflns_shell.pdbx_chi_squared       ? 
_reflns_shell.pdbx_ordinal           1 
_reflns_shell.pdbx_diffrn_id         1 
# 
_refine.entry_id                                 3IJN 
_refine.ls_number_reflns_obs                     2159 
_refine.ls_number_reflns_all                     2211 
_refine.pdbx_ls_sigma_I                          ? 
_refine.pdbx_ls_sigma_F                          . 
_refine.pdbx_data_cutoff_high_absF               ? 
_refine.pdbx_data_cutoff_low_absF                ? 
_refine.pdbx_data_cutoff_high_rms_absF           ? 
_refine.ls_d_res_low                             30 
_refine.ls_d_res_high                            1.80 
_refine.ls_percent_reflns_obs                    97.67 
_refine.ls_R_factor_obs                          ? 
_refine.ls_R_factor_all                          0.20729 
_refine.ls_R_factor_R_work                       0.20588 
_refine.ls_R_factor_R_free                       0.23421 
_refine.ls_R_factor_R_free_error                 ? 
_refine.ls_R_factor_R_free_error_details         ? 
_refine.ls_percent_reflns_R_free                 4.6 
_refine.ls_number_reflns_R_free                  104 
_refine.ls_number_parameters                     ? 
_refine.ls_number_restraints                     ? 
_refine.occupancy_min                            ? 
_refine.occupancy_max                            ? 
_refine.correlation_coeff_Fo_to_Fc               0.962 
_refine.correlation_coeff_Fo_to_Fc_free          0.951 
_refine.B_iso_mean                               12.118 
_refine.aniso_B[1][1]                            0.76 
_refine.aniso_B[2][2]                            0.76 
_refine.aniso_B[3][3]                            -1.51 
_refine.aniso_B[1][2]                            0.00 
_refine.aniso_B[1][3]                            0.00 
_refine.aniso_B[2][3]                            0.00 
_refine.solvent_model_details                    MASK 
_refine.solvent_model_param_ksol                 ? 
_refine.solvent_model_param_bsol                 ? 
_refine.pdbx_solvent_vdw_probe_radii             1.20 
_refine.pdbx_solvent_ion_probe_radii             0.80 
_refine.pdbx_solvent_shrinkage_radii             0.80 
_refine.pdbx_ls_cross_valid_method               THROUGHOUT 
_refine.details                                  'HYDROGENS HAVE BEEN ADDED IN THE RIDING POSITIONS' 
_refine.pdbx_starting_model                      1DNS 
_refine.pdbx_method_to_determine_struct          SAD 
_refine.pdbx_isotropic_thermal_model             ? 
_refine.pdbx_stereochemistry_target_values       'MAXIMUM LIKELIHOOD' 
_refine.pdbx_stereochem_target_val_spec_case     ? 
_refine.pdbx_R_Free_selection_details            RANDOM 
_refine.pdbx_overall_ESU_R                       0.144 
_refine.pdbx_overall_ESU_R_Free                  0.131 
_refine.overall_SU_ML                            0.128 
_refine.overall_SU_B                             9.334 
_refine.ls_redundancy_reflns_obs                 ? 
_refine.B_iso_min                                ? 
_refine.B_iso_max                                ? 
_refine.overall_SU_R_Cruickshank_DPI             ? 
_refine.overall_SU_R_free                        ? 
_refine.ls_wR_factor_R_free                      ? 
_refine.ls_wR_factor_R_work                      ? 
_refine.overall_FOM_free_R_set                   ? 
_refine.overall_FOM_work_R_set                   ? 
_refine.pdbx_overall_phase_error                 ? 
_refine.pdbx_refine_id                           'X-RAY DIFFRACTION' 
_refine.pdbx_TLS_residual_ADP_flag               'LIKELY RESIDUAL' 
_refine.pdbx_diffrn_id                           1 
_refine.pdbx_overall_SU_R_free_Cruickshank_DPI   ? 
_refine.pdbx_overall_SU_R_Blow_DPI               ? 
_refine.pdbx_overall_SU_R_free_Blow_DPI          ? 
# 
_refine_analyze.entry_id                        3IJN 
_refine_analyze.Luzzati_coordinate_error_obs    0.144 
_refine_analyze.Luzzati_sigma_a_obs             ? 
_refine_analyze.Luzzati_d_res_low_obs           ? 
_refine_analyze.Luzzati_coordinate_error_free   0.131 
_refine_analyze.Luzzati_sigma_a_free            ? 
_refine_analyze.Luzzati_d_res_low_free          ? 
_refine_analyze.number_disordered_residues      ? 
_refine_analyze.occupancy_sum_hydrogen          ? 
_refine_analyze.occupancy_sum_non_hydrogen      ? 
_refine_analyze.pdbx_Luzzati_d_res_high_obs     ? 
_refine_analyze.pdbx_refine_id                  'X-RAY DIFFRACTION' 
# 
_refine_hist.pdbx_refine_id                   'X-RAY DIFFRACTION' 
_refine_hist.cycle_id                         LAST 
_refine_hist.pdbx_number_atoms_protein        0 
_refine_hist.pdbx_number_atoms_nucleic_acid   164 
_refine_hist.pdbx_number_atoms_ligand         0 
_refine_hist.number_atoms_solvent             34 
_refine_hist.number_atoms_total               198 
_refine_hist.d_res_high                       1.80 
_refine_hist.d_res_low                        30 
# 
loop_
_refine_ls_restr.type 
_refine_ls_restr.dev_ideal 
_refine_ls_restr.dev_ideal_target 
_refine_ls_restr.weight 
_refine_ls_restr.number 
_refine_ls_restr.pdbx_refine_id 
_refine_ls_restr.pdbx_restraint_function 
r_bond_refined_d         0.009 0.021 ? 181 'X-RAY DIFFRACTION' ? 
r_angle_refined_deg      2.042 3.000 ? 272 'X-RAY DIFFRACTION' ? 
r_chiral_restr           0.067 0.200 ? 29  'X-RAY DIFFRACTION' ? 
r_gen_planes_refined     0.007 0.020 ? 92  'X-RAY DIFFRACTION' ? 
r_nbd_refined            0.342 0.200 ? 61  'X-RAY DIFFRACTION' ? 
r_nbtor_refined          0.279 0.200 ? 97  'X-RAY DIFFRACTION' ? 
r_xyhbond_nbd_refined    0.150 0.200 ? 23  'X-RAY DIFFRACTION' ? 
r_symmetry_vdw_refined   0.192 0.200 ? 20  'X-RAY DIFFRACTION' ? 
r_symmetry_hbond_refined 0.135 0.200 ? 11  'X-RAY DIFFRACTION' ? 
r_scbond_it              0.646 3.000 ? 264 'X-RAY DIFFRACTION' ? 
r_scangle_it             0.814 4.500 ? 272 'X-RAY DIFFRACTION' ? 
# 
_refine_ls_shell.pdbx_total_number_of_bins_used   20 
_refine_ls_shell.d_res_high                       1.801 
_refine_ls_shell.d_res_low                        1.847 
_refine_ls_shell.number_reflns_R_work             134 
_refine_ls_shell.R_factor_R_work                  0.352 
_refine_ls_shell.percent_reflns_obs               81.71 
_refine_ls_shell.R_factor_R_free                  0.360 
_refine_ls_shell.R_factor_R_free_error            ? 
_refine_ls_shell.percent_reflns_R_free            ? 
_refine_ls_shell.number_reflns_R_free             9 
_refine_ls_shell.number_reflns_all                ? 
_refine_ls_shell.R_factor_all                     ? 
_refine_ls_shell.number_reflns_obs                ? 
_refine_ls_shell.redundancy_reflns_obs            ? 
_refine_ls_shell.pdbx_refine_id                   'X-RAY DIFFRACTION' 
# 
_struct.entry_id                  3IJN 
_struct.title                     '5-SeMe-Cytidine modified DNA 8mer' 
_struct.pdbx_model_details        ? 
_struct.pdbx_CASP_flag            ? 
_struct.pdbx_model_type_details   ? 
# 
_struct_keywords.entry_id        3IJN 
_struct_keywords.pdbx_keywords   DNA 
_struct_keywords.text            'Selenium, DNA, 5-SeMe-cytidine' 
# 
loop_
_struct_asym.id 
_struct_asym.pdbx_blank_PDB_chainid_flag 
_struct_asym.pdbx_modified 
_struct_asym.entity_id 
_struct_asym.details 
A N N 1 ? 
B N N 2 ? 
# 
_struct_biol.id        1 
_struct_biol.details   ? 
# 
loop_
_struct_conn.id 
_struct_conn.conn_type_id 
_struct_conn.pdbx_leaving_atom_flag 
_struct_conn.pdbx_PDB_id 
_struct_conn.ptnr1_label_asym_id 
_struct_conn.ptnr1_label_comp_id 
_struct_conn.ptnr1_label_seq_id 
_struct_conn.ptnr1_label_atom_id 
_struct_conn.pdbx_ptnr1_label_alt_id 
_struct_conn.pdbx_ptnr1_PDB_ins_code 
_struct_conn.pdbx_ptnr1_standard_comp_id 
_struct_conn.ptnr1_symmetry 
_struct_conn.ptnr2_label_asym_id 
_struct_conn.ptnr2_label_comp_id 
_struct_conn.ptnr2_label_seq_id 
_struct_conn.ptnr2_label_atom_id 
_struct_conn.pdbx_ptnr2_label_alt_id 
_struct_conn.pdbx_ptnr2_PDB_ins_code 
_struct_conn.ptnr1_auth_asym_id 
_struct_conn.ptnr1_auth_comp_id 
_struct_conn.ptnr1_auth_seq_id 
_struct_conn.ptnr2_auth_asym_id 
_struct_conn.ptnr2_auth_comp_id 
_struct_conn.ptnr2_auth_seq_id 
_struct_conn.ptnr2_symmetry 
_struct_conn.pdbx_ptnr3_label_atom_id 
_struct_conn.pdbx_ptnr3_label_seq_id 
_struct_conn.pdbx_ptnr3_label_comp_id 
_struct_conn.pdbx_ptnr3_label_asym_id 
_struct_conn.pdbx_ptnr3_label_alt_id 
_struct_conn.pdbx_ptnr3_PDB_ins_code 
_struct_conn.details 
_struct_conn.pdbx_dist_value 
_struct_conn.pdbx_value_order 
_struct_conn.pdbx_role 
covale1  covale both ? A DG  1 "O3'" ? ? ? 1_555 A UMS 2 P  ? ? A DG  1 A UMS 2 1_555 ? ? ? ? ? ? ?            1.603 ? ? 
covale2  covale both ? A UMS 2 "O3'" ? ? ? 1_555 A DG  3 P  ? ? A UMS 2 A DG  3 1_555 ? ? ? ? ? ? ?            1.601 ? ? 
covale3  covale both ? A DA  5 "O3'" ? ? ? 1_555 A 5SE 6 P  ? ? A DA  5 A 5SE 6 1_555 ? ? ? ? ? ? ?            1.637 ? ? 
covale4  covale one  ? A 5SE 6 "O3'" ? ? ? 1_555 A DA  7 P  ? ? A 5SE 6 A DA  7 1_555 ? ? ? ? ? ? ?            1.597 ? ? 
hydrog1  hydrog ?    ? A DG  1 N1    ? ? ? 1_555 A DC  8 N3 ? ? A DG  1 A DC  8 8_665 ? ? ? ? ? ? WATSON-CRICK ?     ? ? 
hydrog2  hydrog ?    ? A DG  1 N2    ? ? ? 1_555 A DC  8 O2 ? ? A DG  1 A DC  8 8_665 ? ? ? ? ? ? WATSON-CRICK ?     ? ? 
hydrog3  hydrog ?    ? A DG  1 O6    ? ? ? 1_555 A DC  8 N4 ? ? A DG  1 A DC  8 8_665 ? ? ? ? ? ? WATSON-CRICK ?     ? ? 
hydrog4  hydrog ?    ? A UMS 2 N3    ? ? ? 1_555 A DA  7 N1 ? ? A UMS 2 A DA  7 8_665 ? ? ? ? ? ? WATSON-CRICK ?     ? ? 
hydrog5  hydrog ?    ? A UMS 2 O4    ? ? ? 1_555 A DA  7 N6 ? ? A UMS 2 A DA  7 8_665 ? ? ? ? ? ? WATSON-CRICK ?     ? ? 
hydrog6  hydrog ?    ? A DT  4 N3    ? ? ? 1_555 A DA  5 N1 ? ? A DT  4 A DA  5 8_665 ? ? ? ? ? ? WATSON-CRICK ?     ? ? 
hydrog7  hydrog ?    ? A DT  4 O4    ? ? ? 1_555 A DA  5 N6 ? ? A DT  4 A DA  5 8_665 ? ? ? ? ? ? WATSON-CRICK ?     ? ? 
hydrog8  hydrog ?    ? A DA  5 N1    ? ? ? 1_555 A DT  4 N3 ? ? A DA  5 A DT  4 8_665 ? ? ? ? ? ? WATSON-CRICK ?     ? ? 
hydrog9  hydrog ?    ? A DA  5 N6    ? ? ? 1_555 A DT  4 O4 ? ? A DA  5 A DT  4 8_665 ? ? ? ? ? ? WATSON-CRICK ?     ? ? 
hydrog10 hydrog ?    ? A DA  7 N1    ? ? ? 1_555 A UMS 2 N3 ? ? A DA  7 A UMS 2 8_665 ? ? ? ? ? ? WATSON-CRICK ?     ? ? 
hydrog11 hydrog ?    ? A DA  7 N6    ? ? ? 1_555 A UMS 2 O4 ? ? A DA  7 A UMS 2 8_665 ? ? ? ? ? ? WATSON-CRICK ?     ? ? 
hydrog12 hydrog ?    ? A DC  8 N3    ? ? ? 1_555 A DG  1 N1 ? ? A DC  8 A DG  1 8_665 ? ? ? ? ? ? WATSON-CRICK ?     ? ? 
hydrog13 hydrog ?    ? A DC  8 N4    ? ? ? 1_555 A DG  1 O6 ? ? A DC  8 A DG  1 8_665 ? ? ? ? ? ? WATSON-CRICK ?     ? ? 
hydrog14 hydrog ?    ? A DC  8 O2    ? ? ? 1_555 A DG  1 N2 ? ? A DC  8 A DG  1 8_665 ? ? ? ? ? ? WATSON-CRICK ?     ? ? 
# 
loop_
_struct_conn_type.id 
_struct_conn_type.criteria 
_struct_conn_type.reference 
covale ? ? 
hydrog ? ? 
# 
_atom_sites.entry_id                    3IJN 
_atom_sites.fract_transf_matrix[1][1]   -0.00959056 
_atom_sites.fract_transf_matrix[1][2]   0.01395651 
_atom_sites.fract_transf_matrix[1][3]   -0.01627213 
_atom_sites.fract_transf_matrix[2][1]   -0.02012736 
_atom_sites.fract_transf_matrix[2][2]   0.00027413 
_atom_sites.fract_transf_matrix[2][3]   0.01209791 
_atom_sites.fract_transf_matrix[3][1]   0.01280029 
_atom_sites.fract_transf_matrix[3][2]   0.03275981 
_atom_sites.fract_transf_matrix[3][3]   0.02055360 
_atom_sites.fract_transf_vector[1]      0.234912 
_atom_sites.fract_transf_vector[2]      0.783069 
_atom_sites.fract_transf_vector[3]      0.146369 
# 
loop_
_atom_type.symbol 
C  
N  
O  
P  
SE 
# 
loop_
_atom_site.group_PDB 
_atom_site.id 
_atom_site.type_symbol 
_atom_site.label_atom_id 
_atom_site.label_alt_id 
_atom_site.label_comp_id 
_atom_site.label_asym_id 
_atom_site.label_entity_id 
_atom_site.label_seq_id 
_atom_site.pdbx_PDB_ins_code 
_atom_site.Cartn_x 
_atom_site.Cartn_y 
_atom_site.Cartn_z 
_atom_site.occupancy 
_atom_site.B_iso_or_equiv 
_atom_site.pdbx_formal_charge 
_atom_site.auth_seq_id 
_atom_site.auth_comp_id 
_atom_site.auth_asym_id 
_atom_site.auth_atom_id 
_atom_site.pdbx_PDB_model_num 
ATOM   1   O  "O5'"  . DG  A 1 1 ? -6.346  5.337  11.563  1.00 6.43  ? 1  DG  A "O5'"  1 
ATOM   2   C  "C5'"  . DG  A 1 1 ? -7.572  5.073  12.240  1.00 6.35  ? 1  DG  A "C5'"  1 
ATOM   3   C  "C4'"  . DG  A 1 1 ? -8.769  5.112  11.298  1.00 6.85  ? 1  DG  A "C4'"  1 
ATOM   4   O  "O4'"  . DG  A 1 1 ? -8.911  6.452  10.763  1.00 7.12  ? 1  DG  A "O4'"  1 
ATOM   5   C  "C3'"  . DG  A 1 1 ? -8.714  4.223  10.060  1.00 6.84  ? 1  DG  A "C3'"  1 
ATOM   6   O  "O3'"  . DG  A 1 1 ? -9.148  2.897  10.345  1.00 6.71  ? 1  DG  A "O3'"  1 
ATOM   7   C  "C2'"  . DG  A 1 1 ? -9.685  4.951  9.136   1.00 6.63  ? 1  DG  A "C2'"  1 
ATOM   8   C  "C1'"  . DG  A 1 1 ? -9.335  6.406  9.417   1.00 6.53  ? 1  DG  A "C1'"  1 
ATOM   9   N  N9     . DG  A 1 1 ? -8.259  6.926  8.577   1.00 6.85  ? 1  DG  A N9     1 
ATOM   10  C  C8     . DG  A 1 1 ? -6.927  7.029  8.913   1.00 6.83  ? 1  DG  A C8     1 
ATOM   11  N  N7     . DG  A 1 1 ? -6.185  7.521  7.964   1.00 6.81  ? 1  DG  A N7     1 
ATOM   12  C  C5     . DG  A 1 1 ? -7.079  7.758  6.930   1.00 6.37  ? 1  DG  A C5     1 
ATOM   13  C  C6     . DG  A 1 1 ? -6.848  8.296  5.645   1.00 6.24  ? 1  DG  A C6     1 
ATOM   14  O  O6     . DG  A 1 1 ? -5.775  8.674  5.166   1.00 6.70  ? 1  DG  A O6     1 
ATOM   15  N  N1     . DG  A 1 1 ? -8.017  8.386  4.890   1.00 6.70  ? 1  DG  A N1     1 
ATOM   16  C  C2     . DG  A 1 1 ? -9.255  7.994  5.337   1.00 6.58  ? 1  DG  A C2     1 
ATOM   17  N  N2     . DG  A 1 1 ? -10.254 8.152  4.465   1.00 6.85  ? 1  DG  A N2     1 
ATOM   18  N  N3     . DG  A 1 1 ? -9.495  7.483  6.544   1.00 6.46  ? 1  DG  A N3     1 
ATOM   19  C  C4     . DG  A 1 1 ? -8.362  7.393  7.287   1.00 6.34  ? 1  DG  A C4     1 
HETATM 20  P  P      . UMS A 1 2 ? -8.569  1.639  9.538   1.00 6.73  ? 2  UMS A P      1 
HETATM 21  O  OP1    . UMS A 1 2 ? -9.139  0.408  10.128  1.00 5.92  ? 2  UMS A OP1    1 
HETATM 22  O  OP2    . UMS A 1 2 ? -7.103  1.784  9.465   1.00 6.41  ? 2  UMS A OP2    1 
HETATM 23  O  "O5'"  . UMS A 1 2 ? -9.154  1.866  8.065   1.00 6.34  ? 2  UMS A "O5'"  1 
HETATM 24  C  "C5'"  . UMS A 1 2 ? -10.515 1.583  7.740   1.00 6.12  ? 2  UMS A "C5'"  1 
HETATM 25  C  "C4'"  . UMS A 1 2 ? -10.838 1.998  6.318   1.00 6.72  ? 2  UMS A "C4'"  1 
HETATM 26  O  "O4'"  . UMS A 1 2 ? -10.539 3.403  6.157   1.00 7.31  ? 2  UMS A "O4'"  1 
HETATM 27  C  "C3'"  . UMS A 1 2 ? -10.009 1.350  5.216   1.00 7.70  ? 2  UMS A "C3'"  1 
HETATM 28  O  "O3'"  . UMS A 1 2 ? -10.452 0.017  4.920   1.00 8.73  ? 2  UMS A "O3'"  1 
HETATM 29  C  "C2'"  . UMS A 1 2 ? -10.204 2.341  4.062   1.00 7.29  ? 2  UMS A "C2'"  1 
HETATM 30  SE "SE2'" . UMS A 1 2 ? -11.985 2.181  3.223   0.70 9.24  ? 2  UMS A "SE2'" 1 
HETATM 31  C  "C1'"  . UMS A 1 2 ? -10.084 3.657  4.835   1.00 7.21  ? 2  UMS A "C1'"  1 
HETATM 32  C  "CA'"  . UMS A 1 2 ? -12.082 3.480  1.759   0.70 7.01  ? 2  UMS A "CA'"  1 
HETATM 33  N  N1     . UMS A 1 2 ? -8.669  4.178  4.833   1.00 6.87  ? 2  UMS A N1     1 
HETATM 34  C  C2     . UMS A 1 2 ? -8.190  4.808  3.697   1.00 6.20  ? 2  UMS A C2     1 
HETATM 35  O  O2     . UMS A 1 2 ? -8.850  4.981  2.694   1.00 6.87  ? 2  UMS A O2     1 
HETATM 36  N  N3     . UMS A 1 2 ? -6.892  5.242  3.769   1.00 5.45  ? 2  UMS A N3     1 
HETATM 37  C  C4     . UMS A 1 2 ? -6.032  5.113  4.843   1.00 6.31  ? 2  UMS A C4     1 
HETATM 38  O  O4     . UMS A 1 2 ? -4.892  5.553  4.755   1.00 6.76  ? 2  UMS A O4     1 
HETATM 39  C  C5     . UMS A 1 2 ? -6.588  4.446  5.998   1.00 6.46  ? 2  UMS A C5     1 
HETATM 40  C  C6     . UMS A 1 2 ? -7.854  4.014  5.947   1.00 6.75  ? 2  UMS A C6     1 
ATOM   41  P  P      . DG  A 1 3 ? -9.417  -1.151 4.565   1.00 8.67  ? 3  DG  A P      1 
ATOM   42  O  OP1    . DG  A 1 3 ? -10.228 -2.379 4.550   1.00 8.68  ? 3  DG  A OP1    1 
ATOM   43  O  OP2    . DG  A 1 3 ? -8.225  -1.024 5.437   1.00 9.19  ? 3  DG  A OP2    1 
ATOM   44  O  "O5'"  . DG  A 1 3 ? -8.862  -0.816 3.107   1.00 7.93  ? 3  DG  A "O5'"  1 
ATOM   45  C  "C5'"  . DG  A 1 3 ? -9.710  -0.798 1.980   1.00 7.39  ? 3  DG  A "C5'"  1 
ATOM   46  C  "C4'"  . DG  A 1 3 ? -9.107  0.050  0.868   1.00 6.87  ? 3  DG  A "C4'"  1 
ATOM   47  O  "O4'"  . DG  A 1 3 ? -8.791  1.376  1.360   1.00 5.78  ? 3  DG  A "O4'"  1 
ATOM   48  C  "C3'"  . DG  A 1 3 ? -7.797  -0.414 0.240   1.00 6.18  ? 3  DG  A "C3'"  1 
ATOM   49  O  "O3'"  . DG  A 1 3 ? -8.009  -1.509 -0.658  1.00 6.07  ? 3  DG  A "O3'"  1 
ATOM   50  C  "C2'"  . DG  A 1 3 ? -7.472  0.864  -0.521  1.00 5.69  ? 3  DG  A "C2'"  1 
ATOM   51  C  "C1'"  . DG  A 1 3 ? -7.856  1.942  0.477   1.00 5.46  ? 3  DG  A "C1'"  1 
ATOM   52  N  N9     . DG  A 1 3 ? -6.694  2.366  1.242   1.00 5.62  ? 3  DG  A N9     1 
ATOM   53  C  C8     . DG  A 1 3 ? -6.357  2.046  2.538   1.00 5.34  ? 3  DG  A C8     1 
ATOM   54  N  N7     . DG  A 1 3 ? -5.233  2.584  2.926   1.00 5.20  ? 3  DG  A N7     1 
ATOM   55  C  C5     . DG  A 1 3 ? -4.804  3.310  1.811   1.00 5.84  ? 3  DG  A C5     1 
ATOM   56  C  C6     . DG  A 1 3 ? -3.650  4.113  1.606   1.00 5.22  ? 3  DG  A C6     1 
ATOM   57  O  O6     . DG  A 1 3 ? -2.747  4.359  2.415   1.00 5.95  ? 3  DG  A O6     1 
ATOM   58  N  N1     . DG  A 1 3 ? -3.594  4.652  0.319   1.00 4.87  ? 3  DG  A N1     1 
ATOM   59  C  C2     . DG  A 1 3 ? -4.538  4.455  -0.661  1.00 4.82  ? 3  DG  A C2     1 
ATOM   60  N  N2     . DG  A 1 3 ? -4.339  5.058  -1.839  1.00 5.28  ? 3  DG  A N2     1 
ATOM   61  N  N3     . DG  A 1 3 ? -5.623  3.715  -0.487  1.00 5.42  ? 3  DG  A N3     1 
ATOM   62  C  C4     . DG  A 1 3 ? -5.690  3.174  0.763   1.00 5.83  ? 3  DG  A C4     1 
ATOM   63  P  P      . DT  A 1 4 ? -6.831  -2.407 -1.276  1.00 6.47  ? 4  DT  A P      1 
ATOM   64  O  OP1    . DT  A 1 4 ? -7.440  -3.534 -2.016  1.00 6.14  ? 4  DT  A OP1    1 
ATOM   65  O  OP2    . DT  A 1 4 ? -5.889  -2.704 -0.182  1.00 6.69  ? 4  DT  A OP2    1 
ATOM   66  O  "O5'"  . DT  A 1 4 ? -6.069  -1.423 -2.285  1.00 7.07  ? 4  DT  A "O5'"  1 
ATOM   67  C  "C5'"  . DT  A 1 4 ? -6.668  -0.844 -3.443  1.00 6.72  ? 4  DT  A "C5'"  1 
ATOM   68  C  "C4'"  . DT  A 1 4 ? -5.659  0.004  -4.208  1.00 6.64  ? 4  DT  A "C4'"  1 
ATOM   69  O  "O4'"  . DT  A 1 4 ? -5.336  1.191  -3.443  1.00 6.50  ? 4  DT  A "O4'"  1 
ATOM   70  C  "C3'"  . DT  A 1 4 ? -4.297  -0.628 -4.470  1.00 6.62  ? 4  DT  A "C3'"  1 
ATOM   71  O  "O3'"  . DT  A 1 4 ? -4.328  -1.482 -5.595  1.00 7.50  ? 4  DT  A "O3'"  1 
ATOM   72  C  "C2'"  . DT  A 1 4 ? -3.433  0.600  -4.728  1.00 5.84  ? 4  DT  A "C2'"  1 
ATOM   73  C  "C1'"  . DT  A 1 4 ? -3.985  1.562  -3.691  1.00 5.73  ? 4  DT  A "C1'"  1 
ATOM   74  N  N1     . DT  A 1 4 ? -3.214  1.558  -2.405  1.00 6.26  ? 4  DT  A N1     1 
ATOM   75  C  C2     . DT  A 1 4 ? -2.055  2.306  -2.292  1.00 5.33  ? 4  DT  A C2     1 
ATOM   76  O  O2     . DT  A 1 4 ? -1.594  2.982  -3.188  1.00 5.72  ? 4  DT  A O2     1 
ATOM   77  N  N3     . DT  A 1 4 ? -1.441  2.237  -1.070  1.00 4.70  ? 4  DT  A N3     1 
ATOM   78  C  C4     . DT  A 1 4 ? -1.851  1.503  0.024   1.00 5.19  ? 4  DT  A C4     1 
ATOM   79  O  O4     . DT  A 1 4 ? -1.209  1.526  1.062   1.00 5.54  ? 4  DT  A O4     1 
ATOM   80  C  C5     . DT  A 1 4 ? -3.064  0.726  -0.151  1.00 5.70  ? 4  DT  A C5     1 
ATOM   81  C  C7     . DT  A 1 4 ? -3.643  -0.118 0.944   1.00 4.91  ? 4  DT  A C7     1 
ATOM   82  C  C6     . DT  A 1 4 ? -3.675  0.797  -1.339  1.00 6.43  ? 4  DT  A C6     1 
ATOM   83  P  P      . DA  A 1 5 ? -3.165  -2.547 -5.884  1.00 7.49  ? 5  DA  A P      1 
ATOM   84  O  OP1    . DA  A 1 5 ? -3.721  -3.489 -6.880  1.00 8.70  ? 5  DA  A OP1    1 
ATOM   85  O  OP2    . DA  A 1 5 ? -2.555  -3.020 -4.614  1.00 7.75  ? 5  DA  A OP2    1 
ATOM   86  O  "O5'"  . DA  A 1 5 ? -2.061  -1.678 -6.633  1.00 7.10  ? 5  DA  A "O5'"  1 
ATOM   87  C  "C5'"  . DA  A 1 5 ? -0.704  -1.939 -6.432  1.00 5.26  ? 5  DA  A "C5'"  1 
ATOM   88  C  "C4'"  . DA  A 1 5 ? 0.068   -0.670 -6.685  1.00 4.89  ? 5  DA  A "C4'"  1 
ATOM   89  O  "O4'"  . DA  A 1 5 ? -0.294  0.343  -5.722  1.00 5.08  ? 5  DA  A "O4'"  1 
ATOM   90  C  "C3'"  . DA  A 1 5 ? 1.550   -0.859 -6.516  1.00 5.11  ? 5  DA  A "C3'"  1 
ATOM   91  O  "O3'"  . DA  A 1 5 ? 2.159   -1.329 -7.654  1.00 24.95 ? 5  DA  A "O3'"  1 
ATOM   92  C  "C2'"  . DA  A 1 5 ? 2.048   0.486  -6.027  1.00 4.50  ? 5  DA  A "C2'"  1 
ATOM   93  C  "C1'"  . DA  A 1 5 ? 0.874   0.926  -5.176  1.00 4.18  ? 5  DA  A "C1'"  1 
ATOM   94  N  N9     . DA  A 1 5 ? 0.936   0.564  -3.763  1.00 4.28  ? 5  DA  A N9     1 
ATOM   95  C  C8     . DA  A 1 5 ? 0.077   -0.269 -3.107  1.00 3.70  ? 5  DA  A C8     1 
ATOM   96  N  N7     . DA  A 1 5 ? 0.341   -0.399 -1.834  1.00 4.35  ? 5  DA  A N7     1 
ATOM   97  C  C5     . DA  A 1 5 ? 1.442   0.415  -1.631  1.00 4.41  ? 5  DA  A C5     1 
ATOM   98  C  C6     . DA  A 1 5 ? 2.210   0.713  -0.484  1.00 4.12  ? 5  DA  A C6     1 
ATOM   99  N  N6     . DA  A 1 5 ? 1.962   0.203  0.723   1.00 3.75  ? 5  DA  A N6     1 
ATOM   100 N  N1     . DA  A 1 5 ? 3.251   1.566  -0.628  1.00 3.87  ? 5  DA  A N1     1 
ATOM   101 C  C2     . DA  A 1 5 ? 3.512   2.079  -1.840  1.00 3.60  ? 5  DA  A C2     1 
ATOM   102 N  N3     . DA  A 1 5 ? 2.856   1.876  -2.987  1.00 4.45  ? 5  DA  A N3     1 
ATOM   103 C  C4     . DA  A 1 5 ? 1.825   1.025  -2.814  1.00 4.47  ? 5  DA  A C4     1 
HETATM 104 P  P      . 5SE A 1 6 ? 3.504   -2.255 -7.764  1.00 26.63 ? 6  5SE A P      1 
HETATM 105 N  N1     . 5SE A 1 6 ? 5.674   -0.387 -3.331  1.00 24.16 ? 6  5SE A N1     1 
HETATM 106 C  C2     . 5SE A 1 6 ? 6.108   -0.331 -2.016  1.00 25.26 ? 6  5SE A C2     1 
HETATM 107 O  O2     . 5SE A 1 6 ? 7.096   0.345  -1.768  1.00 27.44 ? 6  5SE A O2     1 
HETATM 108 N  N3     . 5SE A 1 6 ? 5.481   -1.009 -1.032  1.00 23.81 ? 6  5SE A N3     1 
HETATM 109 C  C4     . 5SE A 1 6 ? 4.437   -1.726 -1.345  1.00 21.58 ? 6  5SE A C4     1 
HETATM 110 N  N4     . 5SE A 1 6 ? 3.856   -2.371 -0.347  1.00 21.26 ? 6  5SE A N4     1 
HETATM 111 C  C5     . 5SE A 1 6 ? 3.971   -1.776 -2.688  1.00 23.72 ? 6  5SE A C5     1 
HETATM 112 C  C6     . 5SE A 1 6 ? 4.596   -1.110 -3.657  1.00 23.78 ? 6  5SE A C6     1 
HETATM 113 C  "C1'"  . 5SE A 1 6 ? 6.346   0.420  -4.302  1.00 25.00 ? 6  5SE A "C1'"  1 
HETATM 114 C  "C2'"  . 5SE A 1 6 ? 7.678   -0.067 -4.796  1.00 25.84 ? 6  5SE A "C2'"  1 
HETATM 115 O  OP2    . 5SE A 1 6 ? 3.186   -3.436 -6.980  1.00 26.59 ? 6  5SE A OP2    1 
HETATM 116 C  "C3'"  . 5SE A 1 6 ? 7.122   -0.826 -5.967  1.00 27.34 ? 6  5SE A "C3'"  1 
HETATM 117 O  "O3'"  . 5SE A 1 6 ? 8.178   -1.202 -6.834  1.00 31.01 ? 6  5SE A "O3'"  1 
HETATM 118 C  "C4'"  . 5SE A 1 6 ? 6.187   0.188  -6.585  1.00 26.74 ? 6  5SE A "C4'"  1 
HETATM 119 O  "O4'"  . 5SE A 1 6 ? 5.450   0.498  -5.389  1.00 28.09 ? 6  5SE A "O4'"  1 
HETATM 120 C  "C5'"  . 5SE A 1 6 ? 5.224   -0.334 -7.636  1.00 24.59 ? 6  5SE A "C5'"  1 
HETATM 121 O  "O5'"  . 5SE A 1 6 ? 4.592   -1.400 -7.017  1.00 24.94 ? 6  5SE A "O5'"  1 
HETATM 122 C  CA5    . 5SE A 1 6 ? 3.010   -4.760 -3.103  1.00 29.51 ? 6  5SE A CA5    1 
HETATM 123 SE SE5    . 5SE A 1 6 ? 2.453   -2.867 -3.126  1.00 33.73 ? 6  5SE A SE5    1 
HETATM 124 O  OP1    . 5SE A 1 6 ? 3.956   -2.338 -9.158  1.00 31.76 ? 6  5SE A OP1    1 
ATOM   125 P  P      . DA  A 1 7 ? 9.002   -2.571 -6.807  1.00 28.23 ? 7  DA  A P      1 
ATOM   126 O  OP1    . DA  A 1 7 ? 9.936   -2.921 -7.977  1.00 9.83  ? 7  DA  A OP1    1 
ATOM   127 O  OP2    . DA  A 1 7 ? 7.973   -3.492 -6.435  1.00 11.44 ? 7  DA  A OP2    1 
ATOM   128 O  "O5'"  . DA  A 1 7 ? 9.922   -2.313 -5.511  1.00 9.28  ? 7  DA  A "O5'"  1 
ATOM   129 C  "C5'"  . DA  A 1 7 ? 11.054  -1.467 -5.549  1.00 8.81  ? 7  DA  A "C5'"  1 
ATOM   130 C  "C4'"  . DA  A 1 7 ? 11.713  -1.424 -4.188  1.00 7.62  ? 7  DA  A "C4'"  1 
ATOM   131 O  "O4'"  . DA  A 1 7 ? 10.738  -1.023 -3.205  1.00 7.75  ? 7  DA  A "O4'"  1 
ATOM   132 C  "C3'"  . DA  A 1 7 ? 12.205  -2.754 -3.667  1.00 7.48  ? 7  DA  A "C3'"  1 
ATOM   133 O  "O3'"  . DA  A 1 7 ? 13.486  -2.970 -4.150  1.00 7.13  ? 7  DA  A "O3'"  1 
ATOM   134 C  "C2'"  . DA  A 1 7 ? 12.238  -2.529 -2.163  1.00 7.52  ? 7  DA  A "C2'"  1 
ATOM   135 C  "C1'"  . DA  A 1 7 ? 11.000  -1.668 -1.975  1.00 7.50  ? 7  DA  A "C1'"  1 
ATOM   136 N  N9     . DA  A 1 7 ? 9.776   -2.359 -1.574  1.00 7.67  ? 7  DA  A N9     1 
ATOM   137 C  C8     . DA  A 1 7 ? 8.757   -2.774 -2.390  1.00 7.12  ? 7  DA  A C8     1 
ATOM   138 N  N7     . DA  A 1 7 ? 7.769   -3.342 -1.751  1.00 6.73  ? 7  DA  A N7     1 
ATOM   139 C  C5     . DA  A 1 7 ? 8.160   -3.294 -0.419  1.00 7.57  ? 7  DA  A C5     1 
ATOM   140 C  C6     . DA  A 1 7 ? 7.554   -3.725 0.790   1.00 7.76  ? 7  DA  A C6     1 
ATOM   141 N  N6     . DA  A 1 7 ? 6.365   -4.326 0.845   1.00 7.67  ? 7  DA  A N6     1 
ATOM   142 N  N1     . DA  A 1 7 ? 8.219   -3.524 1.959   1.00 7.67  ? 7  DA  A N1     1 
ATOM   143 C  C2     . DA  A 1 7 ? 9.418   -2.926 1.922   1.00 7.14  ? 7  DA  A C2     1 
ATOM   144 N  N3     . DA  A 1 7 ? 10.079  -2.476 0.851   1.00 7.86  ? 7  DA  A N3     1 
ATOM   145 C  C4     . DA  A 1 7 ? 9.396   -2.686 -0.292  1.00 7.26  ? 7  DA  A C4     1 
ATOM   146 P  P      . DC  A 1 8 ? 13.986  -4.454 -4.387  1.00 7.24  ? 8  DC  A P      1 
ATOM   147 O  OP1    . DC  A 1 8 ? 15.287  -4.363 -5.080  1.00 7.43  ? 8  DC  A OP1    1 
ATOM   148 O  OP2    . DC  A 1 8 ? 12.854  -5.222 -4.942  1.00 7.48  ? 8  DC  A OP2    1 
ATOM   149 O  "O5'"  . DC  A 1 8 ? 14.271  -5.016 -2.924  1.00 9.05  ? 8  DC  A "O5'"  1 
ATOM   150 C  "C5'"  . DC  A 1 8 ? 15.354  -4.500 -2.158  1.00 9.67  ? 8  DC  A "C5'"  1 
ATOM   151 C  "C4'"  . DC  A 1 8 ? 15.278  -5.052 -0.755  1.00 10.31 ? 8  DC  A "C4'"  1 
ATOM   152 O  "O4'"  . DC  A 1 8 ? 13.986  -4.695 -0.219  1.00 11.03 ? 8  DC  A "O4'"  1 
ATOM   153 C  "C3'"  . DC  A 1 8 ? 15.362  -6.570 -0.729  1.00 11.05 ? 8  DC  A "C3'"  1 
ATOM   154 O  "O3'"  . DC  A 1 8 ? 16.663  -6.959 -0.301  1.00 11.89 ? 8  DC  A "O3'"  1 
ATOM   155 C  "C2'"  . DC  A 1 8 ? 14.294  -7.015 0.266   1.00 11.03 ? 8  DC  A "C2'"  1 
ATOM   156 C  "C1'"  . DC  A 1 8 ? 13.457  -5.769 0.525   1.00 10.15 ? 8  DC  A "C1'"  1 
ATOM   157 N  N1     . DC  A 1 8 ? 12.008  -6.001 0.214   1.00 9.85  ? 8  DC  A N1     1 
ATOM   158 C  C2     . DC  A 1 8 ? 11.147  -6.242 1.289   1.00 10.19 ? 8  DC  A C2     1 
ATOM   159 O  O2     . DC  A 1 8 ? 11.606  -6.236 2.440   1.00 10.07 ? 8  DC  A O2     1 
ATOM   160 N  N3     . DC  A 1 8 ? 9.830   -6.474 1.039   1.00 9.76  ? 8  DC  A N3     1 
ATOM   161 C  C4     . DC  A 1 8 ? 9.373   -6.474 -0.214  1.00 9.42  ? 8  DC  A C4     1 
ATOM   162 N  N4     . DC  A 1 8 ? 8.070   -6.707 -0.383  1.00 8.90  ? 8  DC  A N4     1 
ATOM   163 C  C5     . DC  A 1 8 ? 10.233  -6.229 -1.329  1.00 9.13  ? 8  DC  A C5     1 
ATOM   164 C  C6     . DC  A 1 8 ? 11.530  -6.006 -1.070  1.00 9.64  ? 8  DC  A C6     1 
HETATM 165 O  O      . HOH B 2 . ? 12.296  -3.877 4.405   1.00 34.60 ? 9  HOH A O      1 
HETATM 166 O  O      . HOH B 2 . ? -5.825  0.771  6.892   1.00 31.23 ? 10 HOH A O      1 
HETATM 167 O  O      . HOH B 2 . ? 3.333   3.602  -5.363  1.00 19.24 ? 11 HOH A O      1 
HETATM 168 O  O      . HOH B 2 . ? 6.718   -5.831 -2.949  1.00 31.96 ? 12 HOH A O      1 
HETATM 169 O  O      . HOH B 2 . ? 4.533   3.405  -7.815  1.00 27.19 ? 13 HOH A O      1 
HETATM 170 O  O      . HOH B 2 . ? 3.740   -0.510 -10.967 1.00 30.87 ? 14 HOH A O      1 
HETATM 171 O  O      . HOH B 2 . ? -3.783  1.750  5.190   1.00 32.36 ? 15 HOH A O      1 
HETATM 172 O  O      . HOH B 2 . ? 7.215   2.980  -8.000  1.00 35.68 ? 16 HOH A O      1 
HETATM 173 O  O      . HOH B 2 . ? -2.969  -2.996 -1.254  1.00 39.03 ? 17 HOH A O      1 
HETATM 174 O  O      . HOH B 2 . ? -0.791  -2.316 -0.344  1.00 24.26 ? 18 HOH A O      1 
HETATM 175 O  O      . HOH B 2 . ? -2.114  4.406  5.076   1.00 22.56 ? 19 HOH A O      1 
HETATM 176 O  O      . HOH B 2 . ? -1.108  0.215  3.643   1.00 32.79 ? 20 HOH A O      1 
HETATM 177 O  O      . HOH B 2 . ? -3.491  7.581  8.414   1.00 31.45 ? 21 HOH A O      1 
HETATM 178 O  O      . HOH B 2 . ? 1.700   -4.691 0.747   1.00 34.97 ? 22 HOH A O      1 
HETATM 179 O  O      . HOH B 2 . ? 5.726   -4.808 -5.810  1.00 34.26 ? 23 HOH A O      1 
HETATM 180 O  O      . HOH B 2 . ? 3.164   -4.785 -10.612 1.00 42.84 ? 24 HOH A O      1 
HETATM 181 O  O      . HOH B 2 . ? -12.979 -2.206 6.558   1.00 41.29 ? 25 HOH A O      1 
HETATM 182 O  O      . HOH B 2 . ? -5.233  3.063  10.821  1.00 31.32 ? 26 HOH A O      1 
HETATM 183 O  O      . HOH B 2 . ? -7.462  3.612  -2.453  1.00 33.26 ? 27 HOH A O      1 
HETATM 184 O  O      . HOH B 2 . ? 12.499  -4.959 -8.099  1.00 45.06 ? 28 HOH A O      1 
HETATM 185 O  O      . HOH B 2 . ? -5.995  -3.140 2.402   1.00 44.71 ? 29 HOH A O      1 
HETATM 186 O  O      . HOH B 2 . ? 12.912  -2.160 1.275   1.00 25.61 ? 30 HOH A O      1 
HETATM 187 O  O      . HOH B 2 . ? -2.791  -6.419 -6.218  1.00 39.36 ? 31 HOH A O      1 
HETATM 188 O  O      . HOH B 2 . ? 9.740   -6.598 -4.880  1.00 41.80 ? 32 HOH A O      1 
HETATM 189 O  O      . HOH B 2 . ? -0.467  -4.607 -3.985  1.00 34.47 ? 33 HOH A O      1 
HETATM 190 O  O      . HOH B 2 . ? 16.379  -2.250 -6.295  1.00 34.72 ? 34 HOH A O      1 
HETATM 191 O  O      . HOH B 2 . ? 2.909   1.881  -9.541  1.00 23.06 ? 35 HOH A O      1 
HETATM 192 O  O      . HOH B 2 . ? -12.492 0.430  -0.893  1.00 44.69 ? 36 HOH A O      1 
HETATM 193 O  O      . HOH B 2 . ? -3.254  3.404  9.169   1.00 41.13 ? 37 HOH A O      1 
HETATM 194 O  O      . HOH B 2 . ? -6.704  -2.154 9.792   1.00 45.76 ? 38 HOH A O      1 
HETATM 195 O  O      . HOH B 2 . ? -8.387  -2.691 8.222   1.00 42.99 ? 39 HOH A O      1 
HETATM 196 O  O      . HOH B 2 . ? -10.886 -4.463 1.883   1.00 46.85 ? 40 HOH A O      1 
HETATM 197 O  O      . HOH B 2 . ? -3.167  8.746  5.848   1.00 34.40 ? 41 HOH A O      1 
HETATM 198 O  O      . HOH B 2 . ? 0.972   -5.018 -5.815  1.00 30.21 ? 42 HOH A O      1 
# 
loop_
_pdbx_poly_seq_scheme.asym_id 
_pdbx_poly_seq_scheme.entity_id 
_pdbx_poly_seq_scheme.seq_id 
_pdbx_poly_seq_scheme.mon_id 
_pdbx_poly_seq_scheme.ndb_seq_num 
_pdbx_poly_seq_scheme.pdb_seq_num 
_pdbx_poly_seq_scheme.auth_seq_num 
_pdbx_poly_seq_scheme.pdb_mon_id 
_pdbx_poly_seq_scheme.auth_mon_id 
_pdbx_poly_seq_scheme.pdb_strand_id 
_pdbx_poly_seq_scheme.pdb_ins_code 
_pdbx_poly_seq_scheme.hetero 
A 1 1 DG  1 1 1 DG  G   A . n 
A 1 2 UMS 2 2 2 UMS UMS A . n 
A 1 3 DG  3 3 3 DG  G   A . n 
A 1 4 DT  4 4 4 DT  T   A . n 
A 1 5 DA  5 5 5 DA  A   A . n 
A 1 6 5SE 6 6 6 5SE 5SC A . n 
A 1 7 DA  7 7 7 DA  A   A . n 
A 1 8 DC  8 8 8 DC  C   A . n 
# 
loop_
_pdbx_nonpoly_scheme.asym_id 
_pdbx_nonpoly_scheme.entity_id 
_pdbx_nonpoly_scheme.mon_id 
_pdbx_nonpoly_scheme.ndb_seq_num 
_pdbx_nonpoly_scheme.pdb_seq_num 
_pdbx_nonpoly_scheme.auth_seq_num 
_pdbx_nonpoly_scheme.pdb_mon_id 
_pdbx_nonpoly_scheme.auth_mon_id 
_pdbx_nonpoly_scheme.pdb_strand_id 
_pdbx_nonpoly_scheme.pdb_ins_code 
B 2 HOH 1  9  9  HOH HOH A . 
B 2 HOH 2  10 10 HOH HOH A . 
B 2 HOH 3  11 1  HOH HOH A . 
B 2 HOH 4  12 12 HOH HOH A . 
B 2 HOH 5  13 2  HOH HOH A . 
B 2 HOH 6  14 14 HOH HOH A . 
B 2 HOH 7  15 15 HOH HOH A . 
B 2 HOH 8  16 16 HOH HOH A . 
B 2 HOH 9  17 17 HOH HOH A . 
B 2 HOH 10 18 18 HOH HOH A . 
B 2 HOH 11 19 3  HOH HOH A . 
B 2 HOH 12 20 20 HOH HOH A . 
B 2 HOH 13 21 4  HOH HOH A . 
B 2 HOH 14 22 22 HOH HOH A . 
B 2 HOH 15 23 23 HOH HOH A . 
B 2 HOH 16 24 24 HOH HOH A . 
B 2 HOH 17 25 25 HOH HOH A . 
B 2 HOH 18 26 26 HOH HOH A . 
B 2 HOH 19 27 27 HOH HOH A . 
B 2 HOH 20 28 28 HOH HOH A . 
B 2 HOH 21 29 29 HOH HOH A . 
B 2 HOH 22 30 5  HOH HOH A . 
B 2 HOH 23 31 31 HOH HOH A . 
B 2 HOH 24 32 32 HOH HOH A . 
B 2 HOH 25 33 33 HOH HOH A . 
B 2 HOH 26 34 34 HOH HOH A . 
B 2 HOH 27 35 6  HOH HOH A . 
B 2 HOH 28 36 36 HOH HOH A . 
B 2 HOH 29 37 37 HOH HOH A . 
B 2 HOH 30 38 38 HOH HOH A . 
B 2 HOH 31 39 39 HOH HOH A . 
B 2 HOH 32 40 40 HOH HOH A . 
B 2 HOH 33 41 7  HOH HOH A . 
B 2 HOH 34 42 8  HOH HOH A . 
# 
loop_
_pdbx_struct_mod_residue.id 
_pdbx_struct_mod_residue.label_asym_id 
_pdbx_struct_mod_residue.label_comp_id 
_pdbx_struct_mod_residue.label_seq_id 
_pdbx_struct_mod_residue.auth_asym_id 
_pdbx_struct_mod_residue.auth_comp_id 
_pdbx_struct_mod_residue.auth_seq_id 
_pdbx_struct_mod_residue.PDB_ins_code 
_pdbx_struct_mod_residue.parent_comp_id 
_pdbx_struct_mod_residue.details 
1 A UMS 2 A UMS 2 ? DU ? 
2 A 5SE 6 A 5SE 6 ? DU ? 
# 
_pdbx_struct_assembly.id                   1 
_pdbx_struct_assembly.details              author_and_software_defined_assembly 
_pdbx_struct_assembly.method_details       PISA 
_pdbx_struct_assembly.oligomeric_details   dimeric 
_pdbx_struct_assembly.oligomeric_count     2 
# 
_pdbx_struct_assembly_gen.assembly_id       1 
_pdbx_struct_assembly_gen.oper_expression   1,2 
_pdbx_struct_assembly_gen.asym_id_list      A,B 
# 
loop_
_pdbx_struct_oper_list.id 
_pdbx_struct_oper_list.type 
_pdbx_struct_oper_list.name 
_pdbx_struct_oper_list.symmetry_operation 
_pdbx_struct_oper_list.matrix[1][1] 
_pdbx_struct_oper_list.matrix[1][2] 
_pdbx_struct_oper_list.matrix[1][3] 
_pdbx_struct_oper_list.vector[1] 
_pdbx_struct_oper_list.matrix[2][1] 
_pdbx_struct_oper_list.matrix[2][2] 
_pdbx_struct_oper_list.matrix[2][3] 
_pdbx_struct_oper_list.vector[2] 
_pdbx_struct_oper_list.matrix[3][1] 
_pdbx_struct_oper_list.matrix[3][2] 
_pdbx_struct_oper_list.matrix[3][3] 
_pdbx_struct_oper_list.vector[3] 
1 'identity operation'         1_555 x,y,z            1.0000000000  0.0000000000 0.0000000000  0.0000000000 0.0000000000 1.0000000000  0.0000000000  0.0000000000 0.0000000000  0.0000000000  1.0000000000 0.0000000000 
2 'crystal symmetry operation' 8_665 -y+1,-x+1,-z+1/2 -0.7987032726 0.2613902832 -0.5419854262 2.5667748647 0.2613902832 -0.6605762995 -0.7037855302 3.6280409017 -0.5419854262 -0.7037855302 0.4592795720 2.7030579569 
# 
loop_
_pdbx_audit_revision_history.ordinal 
_pdbx_audit_revision_history.data_content_type 
_pdbx_audit_revision_history.major_revision 
_pdbx_audit_revision_history.minor_revision 
_pdbx_audit_revision_history.revision_date 
1 'Structure model' 1 0 2009-10-06 
2 'Structure model' 1 1 2011-07-13 
3 'Structure model' 1 2 2023-09-06 
# 
_pdbx_audit_revision_details.ordinal             1 
_pdbx_audit_revision_details.revision_ordinal    1 
_pdbx_audit_revision_details.data_content_type   'Structure model' 
_pdbx_audit_revision_details.provider            repository 
_pdbx_audit_revision_details.type                'Initial release' 
_pdbx_audit_revision_details.description         ? 
_pdbx_audit_revision_details.details             ? 
# 
loop_
_pdbx_audit_revision_group.ordinal 
_pdbx_audit_revision_group.revision_ordinal 
_pdbx_audit_revision_group.data_content_type 
_pdbx_audit_revision_group.group 
1 2 'Structure model' Advisory                    
2 2 'Structure model' 'Version format compliance' 
3 3 'Structure model' 'Data collection'           
4 3 'Structure model' 'Database references'       
5 3 'Structure model' 'Derived calculations'      
6 3 'Structure model' 'Refinement description'    
# 
loop_
_pdbx_audit_revision_category.ordinal 
_pdbx_audit_revision_category.revision_ordinal 
_pdbx_audit_revision_category.data_content_type 
_pdbx_audit_revision_category.category 
1 3 'Structure model' chem_comp_atom                
2 3 'Structure model' chem_comp_bond                
3 3 'Structure model' database_2                    
4 3 'Structure model' pdbx_initial_refinement_model 
5 3 'Structure model' struct_conn                   
# 
loop_
_pdbx_audit_revision_item.ordinal 
_pdbx_audit_revision_item.revision_ordinal 
_pdbx_audit_revision_item.data_content_type 
_pdbx_audit_revision_item.item 
1 3 'Structure model' '_database_2.pdbx_DOI'                
2 3 'Structure model' '_database_2.pdbx_database_accession' 
3 3 'Structure model' '_struct_conn.pdbx_leaving_atom_flag' 
# 
loop_
_pdbx_refine_tls.pdbx_refine_id 
_pdbx_refine_tls.id 
_pdbx_refine_tls.details 
_pdbx_refine_tls.method 
_pdbx_refine_tls.origin_x 
_pdbx_refine_tls.origin_y 
_pdbx_refine_tls.origin_z 
_pdbx_refine_tls.T[1][1] 
_pdbx_refine_tls.T[2][2] 
_pdbx_refine_tls.T[3][3] 
_pdbx_refine_tls.T[1][2] 
_pdbx_refine_tls.T[1][3] 
_pdbx_refine_tls.T[2][3] 
_pdbx_refine_tls.L[1][1] 
_pdbx_refine_tls.L[2][2] 
_pdbx_refine_tls.L[3][3] 
_pdbx_refine_tls.L[1][2] 
_pdbx_refine_tls.L[1][3] 
_pdbx_refine_tls.L[2][3] 
_pdbx_refine_tls.S[1][1] 
_pdbx_refine_tls.S[1][2] 
_pdbx_refine_tls.S[1][3] 
_pdbx_refine_tls.S[2][1] 
_pdbx_refine_tls.S[2][2] 
_pdbx_refine_tls.S[2][3] 
_pdbx_refine_tls.S[3][1] 
_pdbx_refine_tls.S[3][2] 
_pdbx_refine_tls.S[3][3] 
'X-RAY DIFFRACTION' 1 ? refined -6.9591 2.7907  3.2187  0.2541 0.2065 0.2514 0.0434 0.0082 -0.0305 3.0868  0.3936 3.9196 -0.5445 -3.2208 0.9760 0.1010  0.1378 -0.1658 -0.0536 -0.0408 0.0885  0.2929  -0.4089 -0.0602 
'X-RAY DIFFRACTION' 2 ? refined 6.9606  -2.4179 -3.0560 0.1820 0.1046 0.1732 0.0051 0.0244 0.0062  10.1782 5.0556 7.7030 0.9222  -0.9053 1.2581 -0.2670 0.5443 -0.1822 -0.1884 0.1819  -0.1541 -0.1701 0.1733  0.0851  
# 
loop_
_pdbx_refine_tls_group.pdbx_refine_id 
_pdbx_refine_tls_group.id 
_pdbx_refine_tls_group.refine_tls_id 
_pdbx_refine_tls_group.beg_auth_asym_id 
_pdbx_refine_tls_group.beg_auth_seq_id 
_pdbx_refine_tls_group.beg_label_asym_id 
_pdbx_refine_tls_group.beg_label_seq_id 
_pdbx_refine_tls_group.end_auth_asym_id 
_pdbx_refine_tls_group.end_auth_seq_id 
_pdbx_refine_tls_group.end_label_asym_id 
_pdbx_refine_tls_group.end_label_seq_id 
_pdbx_refine_tls_group.selection 
_pdbx_refine_tls_group.selection_details 
'X-RAY DIFFRACTION' 1 1 A 1 ? ? A 4 ? ? ? ? 
'X-RAY DIFFRACTION' 2 2 A 5 ? ? A 8 ? ? ? ? 
# 
loop_
_software.name 
_software.classification 
_software.version 
_software.citation_id 
_software.pdbx_ordinal 
CBASS    'data collection' .   ? 1 
SHELXS   phasing           .   ? 2 
REFMAC   refinement        5.0 ? 3 
HKL-2000 'data reduction'  .   ? 4 
HKL-2000 'data scaling'    .   ? 5 
# 
_pdbx_validate_rmsd_bond.id                        1 
_pdbx_validate_rmsd_bond.PDB_model_num             1 
_pdbx_validate_rmsd_bond.auth_atom_id_1            "O3'" 
_pdbx_validate_rmsd_bond.auth_asym_id_1            A 
_pdbx_validate_rmsd_bond.auth_comp_id_1            DA 
_pdbx_validate_rmsd_bond.auth_seq_id_1             5 
_pdbx_validate_rmsd_bond.PDB_ins_code_1            ? 
_pdbx_validate_rmsd_bond.label_alt_id_1            ? 
_pdbx_validate_rmsd_bond.auth_atom_id_2            "C3'" 
_pdbx_validate_rmsd_bond.auth_asym_id_2            A 
_pdbx_validate_rmsd_bond.auth_comp_id_2            DA 
_pdbx_validate_rmsd_bond.auth_seq_id_2             5 
_pdbx_validate_rmsd_bond.PDB_ins_code_2            ? 
_pdbx_validate_rmsd_bond.label_alt_id_2            ? 
_pdbx_validate_rmsd_bond.bond_value                1.374 
_pdbx_validate_rmsd_bond.bond_target_value         1.419 
_pdbx_validate_rmsd_bond.bond_deviation            -0.045 
_pdbx_validate_rmsd_bond.bond_standard_deviation   0.006 
_pdbx_validate_rmsd_bond.linker_flag               N 
# 
loop_
_pdbx_validate_rmsd_angle.id 
_pdbx_validate_rmsd_angle.PDB_model_num 
_pdbx_validate_rmsd_angle.auth_atom_id_1 
_pdbx_validate_rmsd_angle.auth_asym_id_1 
_pdbx_validate_rmsd_angle.auth_comp_id_1 
_pdbx_validate_rmsd_angle.auth_seq_id_1 
_pdbx_validate_rmsd_angle.PDB_ins_code_1 
_pdbx_validate_rmsd_angle.label_alt_id_1 
_pdbx_validate_rmsd_angle.auth_atom_id_2 
_pdbx_validate_rmsd_angle.auth_asym_id_2 
_pdbx_validate_rmsd_angle.auth_comp_id_2 
_pdbx_validate_rmsd_angle.auth_seq_id_2 
_pdbx_validate_rmsd_angle.PDB_ins_code_2 
_pdbx_validate_rmsd_angle.label_alt_id_2 
_pdbx_validate_rmsd_angle.auth_atom_id_3 
_pdbx_validate_rmsd_angle.auth_asym_id_3 
_pdbx_validate_rmsd_angle.auth_comp_id_3 
_pdbx_validate_rmsd_angle.auth_seq_id_3 
_pdbx_validate_rmsd_angle.PDB_ins_code_3 
_pdbx_validate_rmsd_angle.label_alt_id_3 
_pdbx_validate_rmsd_angle.angle_value 
_pdbx_validate_rmsd_angle.angle_target_value 
_pdbx_validate_rmsd_angle.angle_deviation 
_pdbx_validate_rmsd_angle.angle_standard_deviation 
_pdbx_validate_rmsd_angle.linker_flag 
1 1 "C4'" A DG  3 ? ? "C3'" A DG  3 ? ? "C2'" A DG  3 ? ? 97.65  102.20 -4.55 0.70 N 
2 1 "C3'" A DA  5 ? ? "O3'" A DA  5 ? ? P     A 5SE 6 ? ? 127.82 119.70 8.12  1.20 Y 
3 1 "C3'" A 5SE 6 ? ? "O3'" A 5SE 6 ? ? P     A DA  7 ? ? 127.00 119.70 7.30  1.20 Y 
4 1 "O3'" A 5SE 6 ? ? P     A DA  7 ? ? OP1   A DA  7 ? ? 119.72 110.50 9.22  1.10 Y 
5 1 "O4'" A DC  8 ? ? "C1'" A DC  8 ? ? N1    A DC  8 ? ? 111.79 108.30 3.49  0.30 N 
# 
loop_
_chem_comp_atom.comp_id 
_chem_comp_atom.atom_id 
_chem_comp_atom.type_symbol 
_chem_comp_atom.pdbx_aromatic_flag 
_chem_comp_atom.pdbx_stereo_config 
_chem_comp_atom.pdbx_ordinal 
5SE P      P  N N 1   
5SE N1     N  N N 2   
5SE C2     C  N N 3   
5SE O2     O  N N 4   
5SE N3     N  N N 5   
5SE C4     C  N N 6   
5SE N4     N  N N 7   
5SE C5     C  N N 8   
5SE C6     C  N N 9   
5SE "C1'"  C  N R 10  
5SE OP3    O  N N 11  
5SE "C2'"  C  N N 12  
5SE OP2    O  N N 13  
5SE "C3'"  C  N S 14  
5SE "O3'"  O  N N 15  
5SE "C4'"  C  N R 16  
5SE "O4'"  O  N N 17  
5SE "C5'"  C  N N 18  
5SE "O5'"  O  N N 19  
5SE CA5    C  N N 20  
5SE SE5    SE N N 21  
5SE HN4    H  N N 22  
5SE HN4A   H  N N 23  
5SE H6     H  N N 24  
5SE "H1'"  H  N N 25  
5SE HOP3   H  N N 26  
5SE "H2'"  H  N N 27  
5SE "H2'A" H  N N 28  
5SE HOP2   H  N N 29  
5SE "H3'"  H  N N 30  
5SE "HO3'" H  N N 31  
5SE "H4'"  H  N N 32  
5SE "H5'"  H  N N 33  
5SE "H5'A" H  N N 34  
5SE HA5    H  N N 35  
5SE HA5A   H  N N 36  
5SE HA5B   H  N N 37  
5SE OP1    O  N N 38  
DA  OP3    O  N N 39  
DA  P      P  N N 40  
DA  OP1    O  N N 41  
DA  OP2    O  N N 42  
DA  "O5'"  O  N N 43  
DA  "C5'"  C  N N 44  
DA  "C4'"  C  N R 45  
DA  "O4'"  O  N N 46  
DA  "C3'"  C  N S 47  
DA  "O3'"  O  N N 48  
DA  "C2'"  C  N N 49  
DA  "C1'"  C  N R 50  
DA  N9     N  Y N 51  
DA  C8     C  Y N 52  
DA  N7     N  Y N 53  
DA  C5     C  Y N 54  
DA  C6     C  Y N 55  
DA  N6     N  N N 56  
DA  N1     N  Y N 57  
DA  C2     C  Y N 58  
DA  N3     N  Y N 59  
DA  C4     C  Y N 60  
DA  HOP3   H  N N 61  
DA  HOP2   H  N N 62  
DA  "H5'"  H  N N 63  
DA  "H5''" H  N N 64  
DA  "H4'"  H  N N 65  
DA  "H3'"  H  N N 66  
DA  "HO3'" H  N N 67  
DA  "H2'"  H  N N 68  
DA  "H2''" H  N N 69  
DA  "H1'"  H  N N 70  
DA  H8     H  N N 71  
DA  H61    H  N N 72  
DA  H62    H  N N 73  
DA  H2     H  N N 74  
DC  OP3    O  N N 75  
DC  P      P  N N 76  
DC  OP1    O  N N 77  
DC  OP2    O  N N 78  
DC  "O5'"  O  N N 79  
DC  "C5'"  C  N N 80  
DC  "C4'"  C  N R 81  
DC  "O4'"  O  N N 82  
DC  "C3'"  C  N S 83  
DC  "O3'"  O  N N 84  
DC  "C2'"  C  N N 85  
DC  "C1'"  C  N R 86  
DC  N1     N  N N 87  
DC  C2     C  N N 88  
DC  O2     O  N N 89  
DC  N3     N  N N 90  
DC  C4     C  N N 91  
DC  N4     N  N N 92  
DC  C5     C  N N 93  
DC  C6     C  N N 94  
DC  HOP3   H  N N 95  
DC  HOP2   H  N N 96  
DC  "H5'"  H  N N 97  
DC  "H5''" H  N N 98  
DC  "H4'"  H  N N 99  
DC  "H3'"  H  N N 100 
DC  "HO3'" H  N N 101 
DC  "H2'"  H  N N 102 
DC  "H2''" H  N N 103 
DC  "H1'"  H  N N 104 
DC  H41    H  N N 105 
DC  H42    H  N N 106 
DC  H5     H  N N 107 
DC  H6     H  N N 108 
DG  OP3    O  N N 109 
DG  P      P  N N 110 
DG  OP1    O  N N 111 
DG  OP2    O  N N 112 
DG  "O5'"  O  N N 113 
DG  "C5'"  C  N N 114 
DG  "C4'"  C  N R 115 
DG  "O4'"  O  N N 116 
DG  "C3'"  C  N S 117 
DG  "O3'"  O  N N 118 
DG  "C2'"  C  N N 119 
DG  "C1'"  C  N R 120 
DG  N9     N  Y N 121 
DG  C8     C  Y N 122 
DG  N7     N  Y N 123 
DG  C5     C  Y N 124 
DG  C6     C  N N 125 
DG  O6     O  N N 126 
DG  N1     N  N N 127 
DG  C2     C  N N 128 
DG  N2     N  N N 129 
DG  N3     N  N N 130 
DG  C4     C  Y N 131 
DG  HOP3   H  N N 132 
DG  HOP2   H  N N 133 
DG  "H5'"  H  N N 134 
DG  "H5''" H  N N 135 
DG  "H4'"  H  N N 136 
DG  "H3'"  H  N N 137 
DG  "HO3'" H  N N 138 
DG  "H2'"  H  N N 139 
DG  "H2''" H  N N 140 
DG  "H1'"  H  N N 141 
DG  H8     H  N N 142 
DG  H1     H  N N 143 
DG  H21    H  N N 144 
DG  H22    H  N N 145 
DT  OP3    O  N N 146 
DT  P      P  N N 147 
DT  OP1    O  N N 148 
DT  OP2    O  N N 149 
DT  "O5'"  O  N N 150 
DT  "C5'"  C  N N 151 
DT  "C4'"  C  N R 152 
DT  "O4'"  O  N N 153 
DT  "C3'"  C  N S 154 
DT  "O3'"  O  N N 155 
DT  "C2'"  C  N N 156 
DT  "C1'"  C  N R 157 
DT  N1     N  N N 158 
DT  C2     C  N N 159 
DT  O2     O  N N 160 
DT  N3     N  N N 161 
DT  C4     C  N N 162 
DT  O4     O  N N 163 
DT  C5     C  N N 164 
DT  C7     C  N N 165 
DT  C6     C  N N 166 
DT  HOP3   H  N N 167 
DT  HOP2   H  N N 168 
DT  "H5'"  H  N N 169 
DT  "H5''" H  N N 170 
DT  "H4'"  H  N N 171 
DT  "H3'"  H  N N 172 
DT  "HO3'" H  N N 173 
DT  "H2'"  H  N N 174 
DT  "H2''" H  N N 175 
DT  "H1'"  H  N N 176 
DT  H3     H  N N 177 
DT  H71    H  N N 178 
DT  H72    H  N N 179 
DT  H73    H  N N 180 
DT  H6     H  N N 181 
HOH O      O  N N 182 
HOH H1     H  N N 183 
HOH H2     H  N N 184 
UMS OP3    O  N N 185 
UMS P      P  N N 186 
UMS OP1    O  N N 187 
UMS OP2    O  N N 188 
UMS "O5'"  O  N N 189 
UMS "C5'"  C  N N 190 
UMS "C4'"  C  N R 191 
UMS "O4'"  O  N N 192 
UMS "C3'"  C  N R 193 
UMS "O3'"  O  N N 194 
UMS "C2'"  C  N R 195 
UMS "SE2'" SE N N 196 
UMS "C1'"  C  N R 197 
UMS "CA'"  C  N N 198 
UMS N1     N  N N 199 
UMS C2     C  N N 200 
UMS O2     O  N N 201 
UMS N3     N  N N 202 
UMS C4     C  N N 203 
UMS O4     O  N N 204 
UMS C5     C  N N 205 
UMS C6     C  N N 206 
UMS HOP3   H  N N 207 
UMS HOP2   H  N N 208 
UMS "H5'"  H  N N 209 
UMS "H5'2" H  N N 210 
UMS "H4'"  H  N N 211 
UMS "H3'"  H  N N 212 
UMS "HO3'" H  N N 213 
UMS "H2'"  H  N N 214 
UMS "H1'"  H  N N 215 
UMS "HA'"  H  N N 216 
UMS "HA'2" H  N N 217 
UMS "HA'3" H  N N 218 
UMS H3     H  N N 219 
UMS H5     H  N N 220 
UMS H6     H  N N 221 
# 
loop_
_chem_comp_bond.comp_id 
_chem_comp_bond.atom_id_1 
_chem_comp_bond.atom_id_2 
_chem_comp_bond.value_order 
_chem_comp_bond.pdbx_aromatic_flag 
_chem_comp_bond.pdbx_stereo_config 
_chem_comp_bond.pdbx_ordinal 
5SE P      "O5'"  sing N N 1   
5SE N1     "C1'"  sing N N 2   
5SE N1     C2     sing N N 3   
5SE C2     O2     doub N N 4   
5SE N3     C2     sing N N 5   
5SE C4     N3     doub N N 6   
5SE N4     C4     sing N N 7   
5SE N4     HN4    sing N N 8   
5SE N4     HN4A   sing N N 9   
5SE C5     C4     sing N N 10  
5SE C5     C6     doub N N 11  
5SE C6     N1     sing N N 12  
5SE C6     H6     sing N N 13  
5SE "C1'"  "H1'"  sing N N 14  
5SE OP3    P      sing N N 15  
5SE OP3    HOP3   sing N N 16  
5SE "C2'"  "C1'"  sing N N 17  
5SE "C2'"  "H2'"  sing N N 18  
5SE "C2'"  "H2'A" sing N N 19  
5SE OP2    P      sing N N 20  
5SE OP2    HOP2   sing N N 21  
5SE "C3'"  "C2'"  sing N N 22  
5SE "C3'"  "C4'"  sing N N 23  
5SE "C3'"  "H3'"  sing N N 24  
5SE "O3'"  "C3'"  sing N N 25  
5SE "O3'"  "HO3'" sing N N 26  
5SE "C4'"  "O4'"  sing N N 27  
5SE "C4'"  "H4'"  sing N N 28  
5SE "O4'"  "C1'"  sing N N 29  
5SE "C5'"  "C4'"  sing N N 30  
5SE "C5'"  "H5'"  sing N N 31  
5SE "C5'"  "H5'A" sing N N 32  
5SE "O5'"  "C5'"  sing N N 33  
5SE CA5    SE5    sing N N 34  
5SE CA5    HA5    sing N N 35  
5SE CA5    HA5A   sing N N 36  
5SE CA5    HA5B   sing N N 37  
5SE SE5    C5     sing N N 38  
5SE P      OP1    doub N N 39  
DA  OP3    P      sing N N 40  
DA  OP3    HOP3   sing N N 41  
DA  P      OP1    doub N N 42  
DA  P      OP2    sing N N 43  
DA  P      "O5'"  sing N N 44  
DA  OP2    HOP2   sing N N 45  
DA  "O5'"  "C5'"  sing N N 46  
DA  "C5'"  "C4'"  sing N N 47  
DA  "C5'"  "H5'"  sing N N 48  
DA  "C5'"  "H5''" sing N N 49  
DA  "C4'"  "O4'"  sing N N 50  
DA  "C4'"  "C3'"  sing N N 51  
DA  "C4'"  "H4'"  sing N N 52  
DA  "O4'"  "C1'"  sing N N 53  
DA  "C3'"  "O3'"  sing N N 54  
DA  "C3'"  "C2'"  sing N N 55  
DA  "C3'"  "H3'"  sing N N 56  
DA  "O3'"  "HO3'" sing N N 57  
DA  "C2'"  "C1'"  sing N N 58  
DA  "C2'"  "H2'"  sing N N 59  
DA  "C2'"  "H2''" sing N N 60  
DA  "C1'"  N9     sing N N 61  
DA  "C1'"  "H1'"  sing N N 62  
DA  N9     C8     sing Y N 63  
DA  N9     C4     sing Y N 64  
DA  C8     N7     doub Y N 65  
DA  C8     H8     sing N N 66  
DA  N7     C5     sing Y N 67  
DA  C5     C6     sing Y N 68  
DA  C5     C4     doub Y N 69  
DA  C6     N6     sing N N 70  
DA  C6     N1     doub Y N 71  
DA  N6     H61    sing N N 72  
DA  N6     H62    sing N N 73  
DA  N1     C2     sing Y N 74  
DA  C2     N3     doub Y N 75  
DA  C2     H2     sing N N 76  
DA  N3     C4     sing Y N 77  
DC  OP3    P      sing N N 78  
DC  OP3    HOP3   sing N N 79  
DC  P      OP1    doub N N 80  
DC  P      OP2    sing N N 81  
DC  P      "O5'"  sing N N 82  
DC  OP2    HOP2   sing N N 83  
DC  "O5'"  "C5'"  sing N N 84  
DC  "C5'"  "C4'"  sing N N 85  
DC  "C5'"  "H5'"  sing N N 86  
DC  "C5'"  "H5''" sing N N 87  
DC  "C4'"  "O4'"  sing N N 88  
DC  "C4'"  "C3'"  sing N N 89  
DC  "C4'"  "H4'"  sing N N 90  
DC  "O4'"  "C1'"  sing N N 91  
DC  "C3'"  "O3'"  sing N N 92  
DC  "C3'"  "C2'"  sing N N 93  
DC  "C3'"  "H3'"  sing N N 94  
DC  "O3'"  "HO3'" sing N N 95  
DC  "C2'"  "C1'"  sing N N 96  
DC  "C2'"  "H2'"  sing N N 97  
DC  "C2'"  "H2''" sing N N 98  
DC  "C1'"  N1     sing N N 99  
DC  "C1'"  "H1'"  sing N N 100 
DC  N1     C2     sing N N 101 
DC  N1     C6     sing N N 102 
DC  C2     O2     doub N N 103 
DC  C2     N3     sing N N 104 
DC  N3     C4     doub N N 105 
DC  C4     N4     sing N N 106 
DC  C4     C5     sing N N 107 
DC  N4     H41    sing N N 108 
DC  N4     H42    sing N N 109 
DC  C5     C6     doub N N 110 
DC  C5     H5     sing N N 111 
DC  C6     H6     sing N N 112 
DG  OP3    P      sing N N 113 
DG  OP3    HOP3   sing N N 114 
DG  P      OP1    doub N N 115 
DG  P      OP2    sing N N 116 
DG  P      "O5'"  sing N N 117 
DG  OP2    HOP2   sing N N 118 
DG  "O5'"  "C5'"  sing N N 119 
DG  "C5'"  "C4'"  sing N N 120 
DG  "C5'"  "H5'"  sing N N 121 
DG  "C5'"  "H5''" sing N N 122 
DG  "C4'"  "O4'"  sing N N 123 
DG  "C4'"  "C3'"  sing N N 124 
DG  "C4'"  "H4'"  sing N N 125 
DG  "O4'"  "C1'"  sing N N 126 
DG  "C3'"  "O3'"  sing N N 127 
DG  "C3'"  "C2'"  sing N N 128 
DG  "C3'"  "H3'"  sing N N 129 
DG  "O3'"  "HO3'" sing N N 130 
DG  "C2'"  "C1'"  sing N N 131 
DG  "C2'"  "H2'"  sing N N 132 
DG  "C2'"  "H2''" sing N N 133 
DG  "C1'"  N9     sing N N 134 
DG  "C1'"  "H1'"  sing N N 135 
DG  N9     C8     sing Y N 136 
DG  N9     C4     sing Y N 137 
DG  C8     N7     doub Y N 138 
DG  C8     H8     sing N N 139 
DG  N7     C5     sing Y N 140 
DG  C5     C6     sing N N 141 
DG  C5     C4     doub Y N 142 
DG  C6     O6     doub N N 143 
DG  C6     N1     sing N N 144 
DG  N1     C2     sing N N 145 
DG  N1     H1     sing N N 146 
DG  C2     N2     sing N N 147 
DG  C2     N3     doub N N 148 
DG  N2     H21    sing N N 149 
DG  N2     H22    sing N N 150 
DG  N3     C4     sing N N 151 
DT  OP3    P      sing N N 152 
DT  OP3    HOP3   sing N N 153 
DT  P      OP1    doub N N 154 
DT  P      OP2    sing N N 155 
DT  P      "O5'"  sing N N 156 
DT  OP2    HOP2   sing N N 157 
DT  "O5'"  "C5'"  sing N N 158 
DT  "C5'"  "C4'"  sing N N 159 
DT  "C5'"  "H5'"  sing N N 160 
DT  "C5'"  "H5''" sing N N 161 
DT  "C4'"  "O4'"  sing N N 162 
DT  "C4'"  "C3'"  sing N N 163 
DT  "C4'"  "H4'"  sing N N 164 
DT  "O4'"  "C1'"  sing N N 165 
DT  "C3'"  "O3'"  sing N N 166 
DT  "C3'"  "C2'"  sing N N 167 
DT  "C3'"  "H3'"  sing N N 168 
DT  "O3'"  "HO3'" sing N N 169 
DT  "C2'"  "C1'"  sing N N 170 
DT  "C2'"  "H2'"  sing N N 171 
DT  "C2'"  "H2''" sing N N 172 
DT  "C1'"  N1     sing N N 173 
DT  "C1'"  "H1'"  sing N N 174 
DT  N1     C2     sing N N 175 
DT  N1     C6     sing N N 176 
DT  C2     O2     doub N N 177 
DT  C2     N3     sing N N 178 
DT  N3     C4     sing N N 179 
DT  N3     H3     sing N N 180 
DT  C4     O4     doub N N 181 
DT  C4     C5     sing N N 182 
DT  C5     C7     sing N N 183 
DT  C5     C6     doub N N 184 
DT  C7     H71    sing N N 185 
DT  C7     H72    sing N N 186 
DT  C7     H73    sing N N 187 
DT  C6     H6     sing N N 188 
HOH O      H1     sing N N 189 
HOH O      H2     sing N N 190 
UMS OP3    P      sing N N 191 
UMS OP3    HOP3   sing N N 192 
UMS P      OP1    doub N N 193 
UMS P      OP2    sing N N 194 
UMS P      "O5'"  sing N N 195 
UMS OP2    HOP2   sing N N 196 
UMS "O5'"  "C5'"  sing N N 197 
UMS "C5'"  "C4'"  sing N N 198 
UMS "C5'"  "H5'"  sing N N 199 
UMS "C5'"  "H5'2" sing N N 200 
UMS "C4'"  "O4'"  sing N N 201 
UMS "C4'"  "C3'"  sing N N 202 
UMS "C4'"  "H4'"  sing N N 203 
UMS "O4'"  "C1'"  sing N N 204 
UMS "C3'"  "O3'"  sing N N 205 
UMS "C3'"  "C2'"  sing N N 206 
UMS "C3'"  "H3'"  sing N N 207 
UMS "O3'"  "HO3'" sing N N 208 
UMS "C2'"  "SE2'" sing N N 209 
UMS "C2'"  "C1'"  sing N N 210 
UMS "C2'"  "H2'"  sing N N 211 
UMS "SE2'" "CA'"  sing N N 212 
UMS "C1'"  N1     sing N N 213 
UMS "C1'"  "H1'"  sing N N 214 
UMS "CA'"  "HA'"  sing N N 215 
UMS "CA'"  "HA'2" sing N N 216 
UMS "CA'"  "HA'3" sing N N 217 
UMS N1     C2     sing N N 218 
UMS N1     C6     sing N N 219 
UMS C2     O2     doub N N 220 
UMS C2     N3     sing N N 221 
UMS N3     C4     sing N N 222 
UMS N3     H3     sing N N 223 
UMS C4     O4     doub N N 224 
UMS C4     C5     sing N N 225 
UMS C5     C6     doub N N 226 
UMS C5     H5     sing N N 227 
UMS C6     H6     sing N N 228 
# 
loop_
_ndb_struct_conf_na.entry_id 
_ndb_struct_conf_na.feature 
3IJN 'double helix'         
3IJN 'mismatched base pair' 
# 
loop_
_ndb_struct_na_base_pair.model_number 
_ndb_struct_na_base_pair.i_label_asym_id 
_ndb_struct_na_base_pair.i_label_comp_id 
_ndb_struct_na_base_pair.i_label_seq_id 
_ndb_struct_na_base_pair.i_symmetry 
_ndb_struct_na_base_pair.j_label_asym_id 
_ndb_struct_na_base_pair.j_label_comp_id 
_ndb_struct_na_base_pair.j_label_seq_id 
_ndb_struct_na_base_pair.j_symmetry 
_ndb_struct_na_base_pair.shear 
_ndb_struct_na_base_pair.stretch 
_ndb_struct_na_base_pair.stagger 
_ndb_struct_na_base_pair.buckle 
_ndb_struct_na_base_pair.propeller 
_ndb_struct_na_base_pair.opening 
_ndb_struct_na_base_pair.pair_number 
_ndb_struct_na_base_pair.pair_name 
_ndb_struct_na_base_pair.i_auth_asym_id 
_ndb_struct_na_base_pair.i_auth_seq_id 
_ndb_struct_na_base_pair.i_PDB_ins_code 
_ndb_struct_na_base_pair.j_auth_asym_id 
_ndb_struct_na_base_pair.j_auth_seq_id 
_ndb_struct_na_base_pair.j_PDB_ins_code 
_ndb_struct_na_base_pair.hbond_type_28 
_ndb_struct_na_base_pair.hbond_type_12 
1 A DG  1 1_555 A DC  8 8_665 -0.520 -0.197 -0.194 -13.568 -14.026 0.369  1 A_DG1:DC8_A  A 1 ? A 8 ? 19 1 
1 A UMS 2 1_555 A DA  7 8_665 -0.126 -0.134 0.327  -7.669  -11.785 2.349  2 A_UMS2:DA7_A A 2 ? A 7 ? 20 1 
1 A DT  4 1_555 A DA  5 8_665 -0.331 -0.187 0.385  -3.459  -11.064 -3.935 3 A_DT4:DA5_A  A 4 ? A 5 ? 20 1 
1 A DA  5 1_555 A DT  4 8_665 0.331  -0.187 0.385  3.459   -11.064 -3.935 4 A_DA5:DT4_A  A 5 ? A 4 ? 20 1 
1 A DA  7 1_555 A UMS 2 8_665 0.126  -0.134 0.327  7.669   -11.785 2.349  5 A_DA7:UMS2_A A 7 ? A 2 ? 20 1 
1 A DC  8 1_555 A DG  1 8_665 0.520  -0.197 -0.194 13.568  -14.026 0.369  6 A_DC8:DG1_A  A 8 ? A 1 ? 19 1 
# 
loop_
_ndb_struct_na_base_pair_step.model_number 
_ndb_struct_na_base_pair_step.i_label_asym_id_1 
_ndb_struct_na_base_pair_step.i_label_comp_id_1 
_ndb_struct_na_base_pair_step.i_label_seq_id_1 
_ndb_struct_na_base_pair_step.i_symmetry_1 
_ndb_struct_na_base_pair_step.j_label_asym_id_1 
_ndb_struct_na_base_pair_step.j_label_comp_id_1 
_ndb_struct_na_base_pair_step.j_label_seq_id_1 
_ndb_struct_na_base_pair_step.j_symmetry_1 
_ndb_struct_na_base_pair_step.i_label_asym_id_2 
_ndb_struct_na_base_pair_step.i_label_comp_id_2 
_ndb_struct_na_base_pair_step.i_label_seq_id_2 
_ndb_struct_na_base_pair_step.i_symmetry_2 
_ndb_struct_na_base_pair_step.j_label_asym_id_2 
_ndb_struct_na_base_pair_step.j_label_comp_id_2 
_ndb_struct_na_base_pair_step.j_label_seq_id_2 
_ndb_struct_na_base_pair_step.j_symmetry_2 
_ndb_struct_na_base_pair_step.shift 
_ndb_struct_na_base_pair_step.slide 
_ndb_struct_na_base_pair_step.rise 
_ndb_struct_na_base_pair_step.tilt 
_ndb_struct_na_base_pair_step.roll 
_ndb_struct_na_base_pair_step.twist 
_ndb_struct_na_base_pair_step.x_displacement 
_ndb_struct_na_base_pair_step.y_displacement 
_ndb_struct_na_base_pair_step.helical_rise 
_ndb_struct_na_base_pair_step.inclination 
_ndb_struct_na_base_pair_step.tip 
_ndb_struct_na_base_pair_step.helical_twist 
_ndb_struct_na_base_pair_step.step_number 
_ndb_struct_na_base_pair_step.step_name 
_ndb_struct_na_base_pair_step.i_auth_asym_id_1 
_ndb_struct_na_base_pair_step.i_auth_seq_id_1 
_ndb_struct_na_base_pair_step.i_PDB_ins_code_1 
_ndb_struct_na_base_pair_step.j_auth_asym_id_1 
_ndb_struct_na_base_pair_step.j_auth_seq_id_1 
_ndb_struct_na_base_pair_step.j_PDB_ins_code_1 
_ndb_struct_na_base_pair_step.i_auth_asym_id_2 
_ndb_struct_na_base_pair_step.i_auth_seq_id_2 
_ndb_struct_na_base_pair_step.i_PDB_ins_code_2 
_ndb_struct_na_base_pair_step.j_auth_asym_id_2 
_ndb_struct_na_base_pair_step.j_auth_seq_id_2 
_ndb_struct_na_base_pair_step.j_PDB_ins_code_2 
1 A DG  1 1_555 A DC  8 8_665 A UMS 2 1_555 A DA  7 8_665 0.245  -0.965 3.203 -3.672 10.506 31.772 -3.268 -0.982 2.712 18.496 
6.464  33.617 1 AA_DG1UMS2:DA7DC8_AA A 1 ? A 8 ? A 2 ? A 7 ? 
1 A UMS 2 1_555 A DA  7 8_665 A DT  4 1_555 A DA  5 8_665 0.556  -3.521 6.218 4.621  9.773  64.794 -3.985 -0.166 5.718 9.054  
-4.282 65.592 2 AA_UMS2DT4:DA5DA7_AA A 2 ? A 7 ? A 4 ? A 5 ? 
1 A DT  4 1_555 A DA  5 8_665 A DA  5 1_555 A DT  4 8_665 0.000  -1.551 2.972 0.000  4.540  31.137 -3.603 0.000  2.725 8.401  
0.000  31.458 3 AA_DT4DA5:DT4DA5_AA  A 4 ? A 5 ? A 5 ? A 4 ? 
1 A DA  5 1_555 A DT  4 8_665 A DA  7 1_555 A UMS 2 8_665 -0.556 -3.521 6.218 -4.621 9.773  64.794 -3.985 0.166  5.718 9.054  
4.282  65.592 4 AA_DA5DA7:UMS2DT4_AA A 5 ? A 4 ? A 7 ? A 2 ? 
1 A DA  7 1_555 A UMS 2 8_665 A DC  8 1_555 A DG  1 8_665 -0.245 -0.965 3.203 3.672  10.506 31.772 -3.268 0.982  2.712 18.496 
-6.464 33.617 5 AA_DA7DC8:DG1UMS2_AA A 7 ? A 2 ? A 8 ? A 1 ? 
# 
_pdbx_entity_nonpoly.entity_id   2 
_pdbx_entity_nonpoly.name        water 
_pdbx_entity_nonpoly.comp_id     HOH 
# 
_pdbx_initial_refinement_model.id               1 
_pdbx_initial_refinement_model.entity_id_list   ? 
_pdbx_initial_refinement_model.type             'experimental model' 
_pdbx_initial_refinement_model.source_name      PDB 
_pdbx_initial_refinement_model.accession_code   1DNS 
_pdbx_initial_refinement_model.details          ? 
# 
